data_6CCL
#
_entry.id   6CCL
#
_cell.length_a   135.050
_cell.length_b   135.050
_cell.length_c   135.050
_cell.angle_alpha   90.000
_cell.angle_beta   90.000
_cell.angle_gamma   90.000
#
_symmetry.space_group_name_H-M   'I 2 3'
#
loop_
_entity.id
_entity.type
_entity.pdbx_description
1 polymer 'Phosphopantetheine adenylyltransferase'
2 non-polymer 1-benzyl-1H-imidazo[4,5-b]pyridine
3 non-polymer 'SULFATE ION'
4 non-polymer 'DIMETHYL SULFOXIDE'
5 water water
#
_entity_poly.entity_id   1
_entity_poly.type   'polypeptide(L)'
_entity_poly.pdbx_seq_one_letter_code
;MQKRAIYPGTFDPITNGHIDIVTRATQMFDHVILAIAASPSKKPMFTLEERVALAQQATAHLGNVEVVGFSDLMANFARN
QHATVLIRGLRAVADFEYEMQLAHMNRHLMPELESVFLMPSKEWSFISSSLVKEVARHQGDVTHFLPENVHQALMAKLAV
D
;
_entity_poly.pdbx_strand_id   A,B
#
# COMPACT_ATOMS: atom_id res chain seq x y z
N GLN A 2 -7.19 -0.33 19.36
CA GLN A 2 -6.68 0.83 18.61
C GLN A 2 -5.57 0.45 17.62
N LYS A 3 -5.78 0.68 16.33
CA LYS A 3 -4.75 0.37 15.34
C LYS A 3 -3.86 1.61 15.17
N ARG A 4 -2.54 1.46 15.39
CA ARG A 4 -1.59 2.55 15.34
C ARG A 4 -0.65 2.44 14.14
N ALA A 5 -0.60 3.51 13.34
CA ALA A 5 0.24 3.56 12.16
C ALA A 5 1.26 4.68 12.27
N ILE A 6 2.44 4.45 11.73
CA ILE A 6 3.47 5.50 11.67
C ILE A 6 3.68 5.89 10.19
N TYR A 7 3.85 7.17 9.92
CA TYR A 7 4.09 7.67 8.56
C TYR A 7 5.42 8.41 8.64
N PRO A 8 6.53 7.69 8.37
CA PRO A 8 7.85 8.32 8.53
C PRO A 8 8.35 8.97 7.26
N GLY A 9 9.16 10.00 7.42
CA GLY A 9 9.76 10.68 6.29
C GLY A 9 10.58 11.89 6.68
N THR A 10 11.23 12.51 5.70
CA THR A 10 12.07 13.70 5.94
C THR A 10 11.19 14.96 6.01
N PHE A 11 10.13 15.04 5.15
CA PHE A 11 9.15 16.14 5.17
C PHE A 11 9.85 17.50 5.21
N ASP A 12 10.72 17.74 4.22
CA ASP A 12 11.53 18.95 4.14
C ASP A 12 11.22 19.85 2.92
N PRO A 13 10.12 20.62 2.92
CA PRO A 13 9.06 20.67 3.94
C PRO A 13 7.91 19.73 3.57
N ILE A 14 6.94 19.60 4.48
CA ILE A 14 5.73 18.84 4.23
C ILE A 14 4.96 19.52 3.09
N THR A 15 4.50 18.73 2.09
CA THR A 15 3.75 19.28 0.93
C THR A 15 2.31 18.84 0.98
N ASN A 16 1.49 19.34 0.02
CA ASN A 16 0.12 18.89 -0.14
C ASN A 16 0.06 17.39 -0.46
N GLY A 17 1.11 16.85 -1.11
CA GLY A 17 1.18 15.41 -1.41
C GLY A 17 1.24 14.61 -0.13
N HIS A 18 2.06 15.09 0.84
CA HIS A 18 2.15 14.47 2.17
C HIS A 18 0.84 14.61 2.94
N ILE A 19 0.17 15.77 2.84
CA ILE A 19 -1.11 15.98 3.54
C ILE A 19 -2.15 14.99 3.03
N ASP A 20 -2.18 14.81 1.69
CA ASP A 20 -3.06 13.87 1.03
C ASP A 20 -2.83 12.47 1.63
N ILE A 21 -1.57 12.00 1.69
CA ILE A 21 -1.27 10.66 2.22
C ILE A 21 -1.70 10.48 3.70
N VAL A 22 -1.33 11.44 4.56
CA VAL A 22 -1.65 11.35 5.98
C VAL A 22 -3.17 11.42 6.19
N THR A 23 -3.91 12.20 5.35
CA THR A 23 -5.38 12.27 5.45
C THR A 23 -5.98 10.89 5.12
N ARG A 24 -5.51 10.25 4.04
CA ARG A 24 -5.97 8.89 3.65
C ARG A 24 -5.66 7.91 4.82
N ALA A 25 -4.49 8.05 5.44
CA ALA A 25 -4.07 7.18 6.56
C ALA A 25 -5.00 7.33 7.78
N THR A 26 -5.43 8.56 8.11
CA THR A 26 -6.34 8.80 9.24
C THR A 26 -7.74 8.25 8.99
N GLN A 27 -8.12 8.08 7.72
CA GLN A 27 -9.43 7.53 7.41
C GLN A 27 -9.42 6.00 7.55
N MET A 28 -8.21 5.40 7.57
CA MET A 28 -8.03 3.96 7.61
C MET A 28 -7.65 3.44 9.00
N PHE A 29 -6.82 4.19 9.74
CA PHE A 29 -6.30 3.76 11.04
C PHE A 29 -6.71 4.71 12.16
N ASP A 30 -6.87 4.18 13.38
CA ASP A 30 -7.32 4.94 14.55
C ASP A 30 -6.39 6.07 14.94
N HIS A 31 -5.06 5.84 14.89
CA HIS A 31 -4.11 6.87 15.30
C HIS A 31 -2.94 6.83 14.35
N VAL A 32 -2.54 8.00 13.84
CA VAL A 32 -1.43 8.09 12.91
C VAL A 32 -0.35 8.96 13.49
N ILE A 33 0.86 8.42 13.57
CA ILE A 33 2.01 9.18 14.04
C ILE A 33 2.76 9.66 12.78
N LEU A 34 2.78 10.99 12.52
CA LEU A 34 3.55 11.52 11.39
C LEU A 34 4.93 11.74 11.99
N ALA A 35 5.91 10.93 11.56
CA ALA A 35 7.24 10.88 12.16
C ALA A 35 8.26 11.48 11.27
N ILE A 36 8.84 12.56 11.75
CA ILE A 36 9.80 13.33 10.95
C ILE A 36 11.19 12.94 11.33
N ALA A 37 11.90 12.36 10.37
CA ALA A 37 13.29 11.94 10.57
C ALA A 37 14.24 13.13 10.51
N ALA A 38 15.22 13.18 11.41
CA ALA A 38 16.25 14.24 11.44
C ALA A 38 16.94 14.36 10.07
N SER A 39 17.27 13.19 9.46
CA SER A 39 17.88 13.08 8.13
C SER A 39 19.08 14.05 7.89
N PRO A 40 20.09 14.18 8.80
CA PRO A 40 21.21 15.10 8.51
C PRO A 40 21.98 14.80 7.20
N SER A 41 22.05 13.52 6.77
CA SER A 41 22.76 13.15 5.54
C SER A 41 22.12 13.80 4.30
N LYS A 42 20.84 14.16 4.39
CA LYS A 42 20.12 14.79 3.28
C LYS A 42 20.32 16.30 3.29
N LYS A 43 21.05 16.83 4.30
CA LYS A 43 21.32 18.28 4.47
C LYS A 43 20.00 19.06 4.28
N PRO A 44 18.99 18.83 5.16
CA PRO A 44 17.68 19.48 4.94
C PRO A 44 17.70 20.99 5.09
N MET A 45 16.81 21.64 4.33
CA MET A 45 16.64 23.08 4.29
C MET A 45 16.15 23.59 5.65
N PHE A 46 15.17 22.87 6.25
CA PHE A 46 14.56 23.23 7.53
C PHE A 46 15.10 22.33 8.63
N THR A 47 15.31 22.89 9.83
CA THR A 47 15.74 22.08 10.98
C THR A 47 14.61 21.10 11.33
N LEU A 48 14.92 20.09 12.13
CA LEU A 48 13.93 19.13 12.57
C LEU A 48 12.81 19.85 13.34
N GLU A 49 13.20 20.77 14.24
CA GLU A 49 12.26 21.57 15.04
C GLU A 49 11.32 22.37 14.13
N GLU A 50 11.86 22.98 13.06
CA GLU A 50 11.04 23.72 12.10
C GLU A 50 10.08 22.78 11.36
N ARG A 51 10.59 21.61 10.90
CA ARG A 51 9.76 20.63 10.17
C ARG A 51 8.62 20.08 11.03
N VAL A 52 8.88 19.81 12.31
CA VAL A 52 7.87 19.34 13.25
C VAL A 52 6.77 20.44 13.44
N ALA A 53 7.18 21.69 13.70
CA ALA A 53 6.22 22.79 13.87
C ALA A 53 5.38 23.00 12.61
N LEU A 54 6.02 22.96 11.42
CA LEU A 54 5.29 23.12 10.15
C LEU A 54 4.23 22.02 9.97
N ALA A 55 4.63 20.75 10.20
CA ALA A 55 3.72 19.62 10.07
C ALA A 55 2.61 19.64 11.12
N GLN A 56 2.91 20.07 12.36
CA GLN A 56 1.89 20.18 13.42
C GLN A 56 0.81 21.15 13.00
N GLN A 57 1.22 22.34 12.51
CA GLN A 57 0.27 23.34 12.04
C GLN A 57 -0.50 22.88 10.81
N ALA A 58 0.19 22.21 9.85
CA ALA A 58 -0.45 21.75 8.60
C ALA A 58 -1.42 20.58 8.81
N THR A 59 -1.29 19.84 9.94
CA THR A 59 -2.18 18.69 10.23
C THR A 59 -3.11 18.93 11.43
N ALA A 60 -3.13 20.16 12.00
CA ALA A 60 -3.96 20.48 13.17
C ALA A 60 -5.46 20.17 12.99
N HIS A 61 -5.96 20.21 11.74
CA HIS A 61 -7.37 19.93 11.41
C HIS A 61 -7.71 18.43 11.51
N LEU A 62 -6.69 17.55 11.57
CA LEU A 62 -6.85 16.10 11.68
C LEU A 62 -6.67 15.67 13.13
N GLY A 63 -7.75 15.29 13.76
CA GLY A 63 -7.81 14.90 15.17
C GLY A 63 -6.98 13.71 15.61
N ASN A 64 -6.75 12.74 14.70
CA ASN A 64 -6.03 11.51 15.09
C ASN A 64 -4.59 11.45 14.59
N VAL A 65 -3.99 12.63 14.31
CA VAL A 65 -2.59 12.74 13.87
C VAL A 65 -1.77 13.28 15.03
N GLU A 66 -0.58 12.69 15.23
CA GLU A 66 0.37 13.12 16.25
C GLU A 66 1.69 13.32 15.50
N VAL A 67 2.30 14.50 15.58
CA VAL A 67 3.56 14.77 14.88
C VAL A 67 4.72 14.64 15.86
N VAL A 68 5.72 13.77 15.54
N VAL A 68 5.74 13.88 15.50
CA VAL A 68 6.89 13.50 16.40
CA VAL A 68 6.90 13.72 16.36
C VAL A 68 8.19 13.47 15.56
C VAL A 68 8.15 13.74 15.48
N GLY A 69 9.28 14.04 16.09
CA GLY A 69 10.57 14.02 15.41
C GLY A 69 11.34 12.80 15.89
N PHE A 70 12.27 12.23 15.07
CA PHE A 70 13.10 11.10 15.52
C PHE A 70 14.45 11.05 14.79
N SER A 71 15.46 10.53 15.47
CA SER A 71 16.78 10.34 14.86
C SER A 71 17.13 8.84 14.93
N ASP A 72 16.24 8.04 15.53
CA ASP A 72 16.44 6.60 15.70
C ASP A 72 16.27 5.85 14.40
N LEU A 73 16.60 4.54 14.45
CA LEU A 73 16.33 3.59 13.36
C LEU A 73 14.78 3.59 13.24
N MET A 74 14.22 3.75 12.03
CA MET A 74 12.74 3.87 11.94
C MET A 74 11.99 2.62 12.46
N ALA A 75 12.54 1.39 12.30
CA ALA A 75 11.88 0.18 12.82
C ALA A 75 11.80 0.23 14.36
N ASN A 76 12.90 0.68 15.03
CA ASN A 76 12.91 0.85 16.49
C ASN A 76 11.92 1.95 16.90
N PHE A 77 11.87 3.06 16.15
CA PHE A 77 10.93 4.14 16.48
C PHE A 77 9.47 3.66 16.36
N ALA A 78 9.19 2.83 15.33
CA ALA A 78 7.85 2.24 15.13
C ALA A 78 7.49 1.33 16.33
N ARG A 79 8.42 0.42 16.72
CA ARG A 79 8.22 -0.47 17.88
C ARG A 79 7.93 0.35 19.13
N ASN A 80 8.71 1.42 19.31
CA ASN A 80 8.61 2.28 20.49
C ASN A 80 7.36 3.16 20.48
N GLN A 81 6.74 3.36 19.32
CA GLN A 81 5.46 4.09 19.22
C GLN A 81 4.28 3.10 19.28
N HIS A 82 4.55 1.78 19.45
CA HIS A 82 3.53 0.71 19.46
C HIS A 82 2.76 0.68 18.12
N ALA A 83 3.45 1.00 17.02
CA ALA A 83 2.85 1.01 15.68
C ALA A 83 2.96 -0.38 15.08
N THR A 84 1.94 -0.83 14.33
CA THR A 84 1.96 -2.13 13.64
C THR A 84 1.81 -1.96 12.14
N VAL A 85 1.67 -0.70 11.72
CA VAL A 85 1.55 -0.32 10.31
C VAL A 85 2.56 0.82 10.06
N LEU A 86 3.27 0.73 8.93
CA LEU A 86 4.20 1.79 8.50
C LEU A 86 3.73 2.26 7.13
N ILE A 87 3.25 3.50 7.04
CA ILE A 87 2.71 4.05 5.79
C ILE A 87 3.82 4.73 4.97
N ARG A 88 3.81 4.54 3.66
CA ARG A 88 4.67 5.28 2.73
C ARG A 88 3.83 5.62 1.50
N GLY A 89 4.02 6.81 0.97
CA GLY A 89 3.27 7.20 -0.22
C GLY A 89 3.97 6.62 -1.44
N LEU A 90 3.22 6.19 -2.46
CA LEU A 90 3.83 5.64 -3.66
C LEU A 90 3.43 6.49 -4.81
N ARG A 91 4.40 7.22 -5.36
CA ARG A 91 4.25 8.19 -6.43
C ARG A 91 4.58 7.61 -7.81
N ALA A 92 5.86 7.28 -8.05
CA ALA A 92 6.33 6.79 -9.34
C ALA A 92 7.24 5.55 -9.24
N VAL A 93 7.69 5.01 -10.40
CA VAL A 93 8.54 3.81 -10.55
C VAL A 93 9.85 3.89 -9.72
N ALA A 94 10.65 4.96 -9.89
CA ALA A 94 11.93 5.18 -9.19
C ALA A 94 11.75 5.21 -7.68
N ASP A 95 10.59 5.66 -7.21
CA ASP A 95 10.25 5.69 -5.80
C ASP A 95 10.05 4.25 -5.30
N PHE A 96 9.29 3.45 -6.07
CA PHE A 96 8.93 2.06 -5.80
C PHE A 96 10.15 1.18 -5.47
N GLU A 97 11.25 1.30 -6.26
CA GLU A 97 12.47 0.49 -6.05
C GLU A 97 13.08 0.66 -4.66
N TYR A 98 13.27 1.93 -4.24
CA TYR A 98 13.81 2.25 -2.91
C TYR A 98 12.81 1.81 -1.85
N GLU A 99 11.50 2.03 -2.08
CA GLU A 99 10.44 1.63 -1.13
C GLU A 99 10.48 0.13 -0.83
N MET A 100 10.70 -0.73 -1.85
N MET A 100 10.70 -0.72 -1.86
CA MET A 100 10.77 -2.19 -1.64
CA MET A 100 10.79 -2.18 -1.69
C MET A 100 12.01 -2.56 -0.83
C MET A 100 11.99 -2.54 -0.82
N GLN A 101 13.14 -1.87 -1.06
CA GLN A 101 14.38 -2.14 -0.29
C GLN A 101 14.14 -1.78 1.17
N LEU A 102 13.61 -0.57 1.40
CA LEU A 102 13.34 -0.09 2.74
C LEU A 102 12.34 -1.01 3.46
N ALA A 103 11.24 -1.39 2.77
CA ALA A 103 10.23 -2.25 3.41
C ALA A 103 10.76 -3.65 3.70
N HIS A 104 11.58 -4.22 2.81
CA HIS A 104 12.14 -5.55 3.08
C HIS A 104 13.14 -5.45 4.24
N MET A 105 13.87 -4.32 4.35
CA MET A 105 14.80 -4.13 5.47
C MET A 105 13.99 -3.95 6.78
N ASN A 106 12.96 -3.08 6.77
CA ASN A 106 12.09 -2.89 7.95
C ASN A 106 11.43 -4.21 8.41
N ARG A 107 11.07 -5.09 7.44
CA ARG A 107 10.46 -6.38 7.75
C ARG A 107 11.49 -7.29 8.46
N HIS A 108 12.75 -7.24 8.02
CA HIS A 108 13.84 -8.00 8.65
C HIS A 108 14.01 -7.54 10.10
N LEU A 109 13.93 -6.21 10.33
CA LEU A 109 14.13 -5.62 11.66
C LEU A 109 12.91 -5.72 12.60
N MET A 110 11.69 -5.73 12.05
CA MET A 110 10.44 -5.77 12.82
C MET A 110 9.37 -6.47 11.95
N PRO A 111 9.36 -7.82 11.99
CA PRO A 111 8.42 -8.56 11.12
C PRO A 111 6.94 -8.28 11.32
N GLU A 112 6.53 -7.90 12.54
CA GLU A 112 5.11 -7.63 12.82
C GLU A 112 4.66 -6.22 12.37
N LEU A 113 5.61 -5.40 11.89
CA LEU A 113 5.29 -4.06 11.39
C LEU A 113 5.00 -4.20 9.90
N GLU A 114 3.75 -3.94 9.50
CA GLU A 114 3.39 -4.09 8.10
C GLU A 114 3.55 -2.80 7.35
N SER A 115 4.36 -2.81 6.27
CA SER A 115 4.50 -1.61 5.44
C SER A 115 3.32 -1.58 4.46
N VAL A 116 2.61 -0.46 4.43
N VAL A 116 2.59 -0.43 4.46
CA VAL A 116 1.51 -0.32 3.50
CA VAL A 116 1.37 -0.16 3.68
C VAL A 116 1.77 0.91 2.67
C VAL A 116 1.65 1.02 2.73
N PHE A 117 1.39 0.86 1.42
CA PHE A 117 1.61 1.97 0.50
C PHE A 117 0.28 2.54 0.09
N LEU A 118 0.21 3.87 0.08
CA LEU A 118 -0.99 4.59 -0.34
C LEU A 118 -0.63 5.42 -1.55
N MET A 119 -1.60 5.65 -2.43
N MET A 119 -1.59 5.63 -2.45
CA MET A 119 -1.36 6.38 -3.66
CA MET A 119 -1.35 6.42 -3.66
C MET A 119 -1.97 7.80 -3.57
C MET A 119 -1.96 7.80 -3.56
N PRO A 120 -1.18 8.87 -3.85
CA PRO A 120 -1.75 10.22 -3.74
C PRO A 120 -2.67 10.52 -4.90
N SER A 121 -3.43 11.62 -4.76
CA SER A 121 -4.30 12.14 -5.82
C SER A 121 -3.42 12.36 -7.07
N LYS A 122 -4.03 12.32 -8.25
CA LYS A 122 -3.32 12.63 -9.50
C LYS A 122 -2.74 14.06 -9.37
N GLU A 123 -3.43 14.94 -8.62
CA GLU A 123 -3.01 16.34 -8.39
C GLU A 123 -1.58 16.45 -7.86
N TRP A 124 -1.16 15.51 -6.98
CA TRP A 124 0.16 15.56 -6.34
C TRP A 124 1.11 14.45 -6.77
N SER A 125 0.77 13.76 -7.86
CA SER A 125 1.50 12.59 -8.35
C SER A 125 2.80 12.91 -9.05
N PHE A 126 3.08 14.20 -9.33
CA PHE A 126 4.28 14.64 -10.07
C PHE A 126 5.09 15.70 -9.32
N ILE A 127 4.84 15.83 -8.03
CA ILE A 127 5.58 16.79 -7.18
C ILE A 127 6.36 16.06 -6.09
N SER A 128 7.32 16.77 -5.47
CA SER A 128 8.14 16.28 -4.38
C SER A 128 8.63 17.49 -3.60
N SER A 129 9.10 17.29 -2.36
CA SER A 129 9.68 18.43 -1.61
C SER A 129 10.87 19.04 -2.41
N SER A 130 11.74 18.18 -3.00
N SER A 130 11.74 18.18 -3.01
N SER A 130 11.74 18.19 -3.01
CA SER A 130 12.90 18.62 -3.79
CA SER A 130 12.90 18.61 -3.80
CA SER A 130 12.91 18.61 -3.79
C SER A 130 12.49 19.53 -4.95
C SER A 130 12.50 19.52 -4.96
C SER A 130 12.53 19.49 -4.98
N LEU A 131 11.49 19.10 -5.74
CA LEU A 131 11.01 19.88 -6.90
C LEU A 131 10.41 21.22 -6.47
N VAL A 132 9.57 21.22 -5.42
CA VAL A 132 8.97 22.46 -4.92
C VAL A 132 10.09 23.42 -4.44
N LYS A 133 11.08 22.90 -3.69
CA LYS A 133 12.20 23.77 -3.24
C LYS A 133 12.97 24.37 -4.43
N GLU A 134 13.20 23.56 -5.48
CA GLU A 134 13.93 23.99 -6.67
C GLU A 134 13.23 25.13 -7.38
N VAL A 135 11.88 25.02 -7.55
CA VAL A 135 11.07 26.08 -8.18
C VAL A 135 11.14 27.33 -7.31
N ALA A 136 10.93 27.17 -5.99
CA ALA A 136 10.97 28.28 -5.03
C ALA A 136 12.32 28.99 -5.00
N ARG A 137 13.44 28.24 -5.14
N ARG A 137 13.43 28.23 -5.15
CA ARG A 137 14.77 28.84 -5.19
CA ARG A 137 14.80 28.78 -5.20
C ARG A 137 14.90 29.77 -6.39
C ARG A 137 15.02 29.63 -6.46
N HIS A 138 14.15 29.47 -7.47
CA HIS A 138 14.16 30.26 -8.72
C HIS A 138 12.99 31.25 -8.73
N GLN A 139 12.36 31.45 -7.55
CA GLN A 139 11.28 32.42 -7.32
C GLN A 139 9.95 32.08 -8.03
N GLY A 140 9.77 30.82 -8.43
CA GLY A 140 8.54 30.37 -9.07
C GLY A 140 7.43 30.19 -8.04
N ASP A 141 6.17 30.35 -8.48
CA ASP A 141 5.03 30.26 -7.59
C ASP A 141 4.73 28.80 -7.17
N VAL A 142 4.85 28.51 -5.87
CA VAL A 142 4.60 27.17 -5.33
C VAL A 142 3.42 27.14 -4.37
N THR A 143 2.60 28.22 -4.36
CA THR A 143 1.45 28.29 -3.46
C THR A 143 0.50 27.10 -3.63
N HIS A 144 0.33 26.60 -4.87
CA HIS A 144 -0.59 25.50 -5.13
C HIS A 144 -0.17 24.18 -4.43
N PHE A 145 1.13 24.00 -4.15
CA PHE A 145 1.66 22.70 -3.68
C PHE A 145 1.88 22.55 -2.20
N LEU A 146 1.71 23.64 -1.43
CA LEU A 146 2.01 23.62 -0.01
C LEU A 146 0.90 24.15 0.86
N PRO A 147 0.79 23.65 2.12
CA PRO A 147 -0.14 24.28 3.06
C PRO A 147 0.29 25.75 3.24
N GLU A 148 -0.65 26.63 3.57
CA GLU A 148 -0.39 28.05 3.74
C GLU A 148 0.79 28.36 4.65
N ASN A 149 0.84 27.76 5.86
CA ASN A 149 1.92 28.02 6.82
C ASN A 149 3.29 27.61 6.27
N VAL A 150 3.34 26.52 5.49
CA VAL A 150 4.56 26.01 4.89
C VAL A 150 5.06 26.95 3.79
N HIS A 151 4.13 27.42 2.93
CA HIS A 151 4.46 28.36 1.85
C HIS A 151 5.10 29.60 2.47
N GLN A 152 4.46 30.18 3.52
CA GLN A 152 5.01 31.35 4.24
C GLN A 152 6.43 31.09 4.77
N ALA A 153 6.65 29.93 5.42
CA ALA A 153 7.95 29.58 5.99
C ALA A 153 9.01 29.41 4.91
N LEU A 154 8.65 28.79 3.79
CA LEU A 154 9.58 28.58 2.67
C LEU A 154 9.94 29.93 2.03
N MET A 155 8.95 30.84 1.84
CA MET A 155 9.23 32.16 1.28
C MET A 155 10.17 32.93 2.20
N ALA A 156 9.91 32.88 3.52
CA ALA A 156 10.72 33.55 4.53
C ALA A 156 12.14 32.99 4.58
N LYS A 157 12.28 31.64 4.51
CA LYS A 157 13.57 30.94 4.52
C LYS A 157 14.42 31.42 3.35
N LEU A 158 13.83 31.48 2.14
CA LEU A 158 14.55 31.89 0.94
C LEU A 158 14.80 33.41 0.82
N ALA A 159 14.18 34.22 1.69
CA ALA A 159 14.41 35.68 1.70
C ALA A 159 15.55 36.03 2.70
N VAL A 160 16.38 35.03 3.07
CA VAL A 160 17.53 35.06 4.00
C VAL A 160 17.08 35.20 5.47
N GLN B 2 -14.01 -0.63 12.91
CA GLN B 2 -14.39 -1.92 12.33
C GLN B 2 -14.27 -1.90 10.79
N LYS B 3 -13.04 -2.10 10.30
CA LYS B 3 -12.73 -2.01 8.89
C LYS B 3 -13.04 -3.25 8.09
N ARG B 4 -13.71 -3.08 6.95
CA ARG B 4 -13.98 -4.18 6.03
C ARG B 4 -13.14 -3.96 4.78
N ALA B 5 -12.34 -4.97 4.45
CA ALA B 5 -11.44 -4.89 3.32
C ALA B 5 -11.76 -5.96 2.31
N ILE B 6 -11.55 -5.67 1.02
N ILE B 6 -11.48 -5.68 1.06
CA ILE B 6 -11.71 -6.67 -0.05
CA ILE B 6 -11.69 -6.63 -0.03
C ILE B 6 -10.35 -6.91 -0.69
C ILE B 6 -10.35 -6.88 -0.74
N TYR B 7 -10.09 -8.14 -1.09
CA TYR B 7 -8.85 -8.56 -1.74
C TYR B 7 -9.26 -9.29 -3.02
N PRO B 8 -9.45 -8.54 -4.11
CA PRO B 8 -9.95 -9.17 -5.34
C PRO B 8 -8.89 -9.75 -6.26
N GLY B 9 -9.31 -10.68 -7.11
CA GLY B 9 -8.44 -11.28 -8.10
C GLY B 9 -9.10 -12.45 -8.78
N THR B 10 -8.39 -13.06 -9.74
N THR B 10 -8.38 -13.05 -9.73
CA THR B 10 -8.90 -14.24 -10.44
CA THR B 10 -8.84 -14.21 -10.48
C THR B 10 -8.51 -15.50 -9.67
C THR B 10 -8.50 -15.47 -9.68
N PHE B 11 -7.35 -15.46 -8.95
CA PHE B 11 -6.88 -16.60 -8.13
C PHE B 11 -6.99 -17.94 -8.88
N ASP B 12 -6.33 -18.01 -10.05
CA ASP B 12 -6.43 -19.14 -10.96
C ASP B 12 -5.10 -19.87 -11.17
N PRO B 13 -4.61 -20.68 -10.21
CA PRO B 13 -5.17 -20.94 -8.88
C PRO B 13 -4.57 -19.99 -7.83
N ILE B 14 -5.09 -20.03 -6.61
CA ILE B 14 -4.55 -19.28 -5.50
C ILE B 14 -3.14 -19.83 -5.20
N THR B 15 -2.15 -18.93 -5.03
CA THR B 15 -0.77 -19.37 -4.75
C THR B 15 -0.33 -18.97 -3.33
N ASN B 16 0.88 -19.38 -2.92
CA ASN B 16 1.43 -18.97 -1.63
C ASN B 16 1.64 -17.46 -1.57
N GLY B 17 1.81 -16.81 -2.73
CA GLY B 17 1.93 -15.36 -2.80
C GLY B 17 0.63 -14.71 -2.39
N HIS B 18 -0.50 -15.25 -2.84
CA HIS B 18 -1.84 -14.75 -2.46
C HIS B 18 -2.08 -15.03 -0.98
N ILE B 19 -1.69 -16.22 -0.48
CA ILE B 19 -1.84 -16.58 0.95
C ILE B 19 -1.03 -15.58 1.80
N ASP B 20 0.19 -15.26 1.36
CA ASP B 20 1.00 -14.29 2.07
C ASP B 20 0.25 -12.92 2.19
N ILE B 21 -0.25 -12.39 1.06
CA ILE B 21 -0.94 -11.09 1.06
C ILE B 21 -2.18 -11.10 1.92
N VAL B 22 -3.04 -12.13 1.76
CA VAL B 22 -4.29 -12.15 2.55
C VAL B 22 -3.98 -12.32 4.05
N THR B 23 -2.91 -13.05 4.42
CA THR B 23 -2.54 -13.23 5.84
C THR B 23 -2.16 -11.86 6.43
N ARG B 24 -1.34 -11.10 5.69
CA ARG B 24 -0.94 -9.75 6.12
C ARG B 24 -2.18 -8.87 6.27
N ALA B 25 -3.12 -8.96 5.30
CA ALA B 25 -4.35 -8.14 5.39
C ALA B 25 -5.17 -8.49 6.64
N THR B 26 -5.24 -9.79 7.01
CA THR B 26 -6.01 -10.20 8.22
C THR B 26 -5.42 -9.69 9.53
N GLN B 27 -4.12 -9.34 9.53
CA GLN B 27 -3.46 -8.81 10.71
C GLN B 27 -3.77 -7.34 10.87
N MET B 28 -4.25 -6.65 9.81
CA MET B 28 -4.46 -5.24 10.04
C MET B 28 -5.92 -4.79 9.92
N PHE B 29 -6.81 -5.62 9.35
CA PHE B 29 -8.23 -5.27 9.18
C PHE B 29 -9.12 -6.31 9.83
N ASP B 30 -10.24 -5.87 10.40
CA ASP B 30 -11.18 -6.74 11.10
C ASP B 30 -11.79 -7.83 10.24
N HIS B 31 -12.15 -7.50 8.98
CA HIS B 31 -12.77 -8.50 8.11
C HIS B 31 -12.21 -8.36 6.72
N VAL B 32 -11.75 -9.49 6.16
CA VAL B 32 -11.16 -9.49 4.81
C VAL B 32 -11.98 -10.39 3.89
N ILE B 33 -12.53 -9.82 2.81
CA ILE B 33 -13.25 -10.60 1.81
C ILE B 33 -12.28 -10.94 0.69
N LEU B 34 -11.95 -12.24 0.49
CA LEU B 34 -11.09 -12.65 -0.62
C LEU B 34 -12.08 -12.89 -1.76
N ALA B 35 -12.08 -11.97 -2.73
CA ALA B 35 -13.09 -11.85 -3.79
C ALA B 35 -12.60 -12.44 -5.09
N ILE B 36 -13.27 -13.50 -5.55
CA ILE B 36 -12.85 -14.23 -6.77
C ILE B 36 -13.67 -13.84 -7.98
N ALA B 37 -13.00 -13.24 -9.00
CA ALA B 37 -13.64 -12.80 -10.24
C ALA B 37 -14.21 -14.02 -10.99
N ALA B 38 -15.55 -14.01 -11.21
CA ALA B 38 -16.35 -15.10 -11.78
C ALA B 38 -16.10 -15.39 -13.22
N SER B 39 -16.19 -14.36 -14.07
CA SER B 39 -16.06 -14.54 -15.52
C SER B 39 -14.88 -13.71 -16.05
N PRO B 40 -13.62 -14.14 -15.82
CA PRO B 40 -12.49 -13.40 -16.39
C PRO B 40 -12.49 -13.50 -17.92
N SER B 41 -11.96 -12.46 -18.61
CA SER B 41 -11.91 -12.42 -20.08
C SER B 41 -11.09 -13.58 -20.65
N LYS B 42 -9.99 -13.93 -19.98
CA LYS B 42 -9.16 -15.09 -20.33
C LYS B 42 -9.84 -16.28 -19.67
N LYS B 43 -10.16 -17.32 -20.44
CA LYS B 43 -10.81 -18.54 -19.94
C LYS B 43 -9.89 -19.18 -18.87
N PRO B 44 -10.31 -19.17 -17.59
CA PRO B 44 -9.41 -19.69 -16.53
C PRO B 44 -9.18 -21.20 -16.57
N MET B 45 -8.02 -21.68 -16.02
CA MET B 45 -7.70 -23.10 -15.93
C MET B 45 -8.72 -23.82 -15.02
N PHE B 46 -9.04 -23.20 -13.88
CA PHE B 46 -10.00 -23.69 -12.89
C PHE B 46 -11.28 -22.90 -13.01
N THR B 47 -12.44 -23.59 -12.91
CA THR B 47 -13.76 -22.94 -12.98
C THR B 47 -13.93 -22.09 -11.73
N LEU B 48 -14.93 -21.20 -11.70
CA LEU B 48 -15.17 -20.40 -10.49
C LEU B 48 -15.43 -21.28 -9.25
N GLU B 49 -16.22 -22.36 -9.39
CA GLU B 49 -16.53 -23.29 -8.27
C GLU B 49 -15.23 -23.83 -7.69
N GLU B 50 -14.33 -24.30 -8.57
CA GLU B 50 -13.03 -24.87 -8.16
C GLU B 50 -12.17 -23.80 -7.49
N ARG B 51 -12.11 -22.59 -8.08
CA ARG B 51 -11.27 -21.52 -7.53
C ARG B 51 -11.73 -21.11 -6.12
N VAL B 52 -13.06 -21.01 -5.91
CA VAL B 52 -13.63 -20.68 -4.59
C VAL B 52 -13.35 -21.79 -3.57
N ALA B 53 -13.59 -23.06 -3.94
CA ALA B 53 -13.35 -24.18 -3.03
C ALA B 53 -11.87 -24.26 -2.62
N LEU B 54 -10.95 -24.09 -3.60
CA LEU B 54 -9.50 -24.13 -3.30
C LEU B 54 -9.09 -23.02 -2.35
N ALA B 55 -9.58 -21.79 -2.59
CA ALA B 55 -9.26 -20.62 -1.75
C ALA B 55 -9.84 -20.77 -0.34
N GLN B 56 -11.04 -21.38 -0.22
CA GLN B 56 -11.67 -21.59 1.08
C GLN B 56 -10.85 -22.51 1.95
N GLN B 57 -10.45 -23.67 1.38
CA GLN B 57 -9.65 -24.65 2.08
C GLN B 57 -8.26 -24.06 2.43
N ALA B 58 -7.64 -23.32 1.48
CA ALA B 58 -6.31 -22.75 1.70
C ALA B 58 -6.28 -21.59 2.72
N THR B 59 -7.46 -20.99 3.05
CA THR B 59 -7.56 -19.86 4.01
C THR B 59 -8.41 -20.21 5.25
N ALA B 60 -8.88 -21.47 5.36
CA ALA B 60 -9.75 -21.95 6.46
C ALA B 60 -9.20 -21.67 7.87
N HIS B 61 -7.87 -21.56 8.03
CA HIS B 61 -7.17 -21.29 9.29
C HIS B 61 -7.22 -19.81 9.70
N LEU B 62 -7.64 -18.94 8.77
CA LEU B 62 -7.74 -17.50 8.98
C LEU B 62 -9.20 -17.18 9.31
N GLY B 63 -9.45 -16.92 10.59
CA GLY B 63 -10.80 -16.70 11.11
C GLY B 63 -11.56 -15.53 10.52
N ASN B 64 -10.86 -14.47 10.11
CA ASN B 64 -11.55 -13.27 9.62
C ASN B 64 -11.49 -13.11 8.09
N VAL B 65 -11.36 -14.23 7.36
CA VAL B 65 -11.40 -14.23 5.89
C VAL B 65 -12.72 -14.87 5.49
N GLU B 66 -13.36 -14.29 4.48
CA GLU B 66 -14.59 -14.79 3.86
C GLU B 66 -14.29 -14.88 2.35
N VAL B 67 -14.37 -16.08 1.74
CA VAL B 67 -14.11 -16.22 0.30
C VAL B 67 -15.45 -16.09 -0.45
N VAL B 68 -15.54 -15.18 -1.44
CA VAL B 68 -16.80 -14.93 -2.18
C VAL B 68 -16.50 -14.74 -3.67
N GLY B 69 -17.35 -15.30 -4.52
CA GLY B 69 -17.23 -15.06 -5.96
C GLY B 69 -17.98 -13.78 -6.33
N PHE B 70 -17.53 -13.07 -7.39
CA PHE B 70 -18.25 -11.87 -7.85
C PHE B 70 -18.14 -11.76 -9.37
N SER B 71 -19.16 -11.21 -10.05
CA SER B 71 -19.13 -11.07 -11.52
C SER B 71 -19.21 -9.60 -12.00
N ASP B 72 -19.52 -8.68 -11.07
N ASP B 72 -19.51 -8.69 -11.10
CA ASP B 72 -19.60 -7.24 -11.37
CA ASP B 72 -19.58 -7.27 -11.45
C ASP B 72 -18.19 -6.64 -11.40
C ASP B 72 -18.19 -6.66 -11.45
N LEU B 73 -18.13 -5.34 -11.71
CA LEU B 73 -16.92 -4.55 -11.67
C LEU B 73 -16.52 -4.62 -10.18
N MET B 74 -15.19 -4.77 -9.86
N MET B 74 -15.25 -4.81 -9.92
CA MET B 74 -14.70 -4.90 -8.47
CA MET B 74 -14.78 -4.92 -8.58
C MET B 74 -15.13 -3.75 -7.54
C MET B 74 -15.35 -3.81 -7.67
N ALA B 75 -15.25 -2.52 -8.09
CA ALA B 75 -15.71 -1.38 -7.30
C ALA B 75 -17.20 -1.55 -6.93
N ASN B 76 -18.04 -2.05 -7.88
CA ASN B 76 -19.48 -2.25 -7.61
C ASN B 76 -19.67 -3.30 -6.50
N PHE B 77 -18.88 -4.38 -6.54
CA PHE B 77 -18.95 -5.41 -5.49
C PHE B 77 -18.48 -4.85 -4.13
N ALA B 78 -17.33 -4.12 -4.10
CA ALA B 78 -16.79 -3.52 -2.89
C ALA B 78 -17.83 -2.59 -2.24
N ARG B 79 -18.49 -1.75 -3.05
CA ARG B 79 -19.56 -0.86 -2.60
C ARG B 79 -20.68 -1.67 -1.96
N ASN B 80 -21.18 -2.72 -2.65
CA ASN B 80 -22.27 -3.55 -2.11
C ASN B 80 -21.89 -4.29 -0.82
N GLN B 81 -20.60 -4.64 -0.65
CA GLN B 81 -20.07 -5.32 0.54
C GLN B 81 -19.69 -4.35 1.67
N HIS B 82 -19.84 -3.03 1.45
CA HIS B 82 -19.52 -2.00 2.43
C HIS B 82 -18.03 -2.08 2.82
N ALA B 83 -17.19 -2.36 1.84
CA ALA B 83 -15.74 -2.36 2.05
C ALA B 83 -15.23 -0.94 1.85
N THR B 84 -14.25 -0.51 2.66
CA THR B 84 -13.67 0.82 2.54
C THR B 84 -12.19 0.70 2.20
N VAL B 85 -11.70 -0.54 2.12
CA VAL B 85 -10.29 -0.79 1.84
C VAL B 85 -10.19 -1.84 0.73
N LEU B 86 -9.34 -1.57 -0.28
CA LEU B 86 -9.10 -2.48 -1.40
C LEU B 86 -7.64 -2.91 -1.34
N ILE B 87 -7.41 -4.18 -0.99
CA ILE B 87 -6.07 -4.74 -0.87
C ILE B 87 -5.53 -5.10 -2.25
N ARG B 88 -4.31 -4.66 -2.54
CA ARG B 88 -3.59 -5.03 -3.77
C ARG B 88 -2.18 -5.48 -3.38
N GLY B 89 -1.73 -6.59 -3.96
CA GLY B 89 -0.38 -7.06 -3.72
C GLY B 89 0.58 -6.42 -4.72
N LEU B 90 1.74 -5.91 -4.26
CA LEU B 90 2.75 -5.32 -5.15
C LEU B 90 3.97 -6.18 -5.23
N ARG B 91 4.31 -6.68 -6.43
CA ARG B 91 5.48 -7.54 -6.58
C ARG B 91 6.67 -6.83 -7.16
N ALA B 92 6.48 -6.20 -8.34
CA ALA B 92 7.55 -5.53 -9.09
C ALA B 92 7.04 -4.33 -9.89
N VAL B 93 7.98 -3.57 -10.51
CA VAL B 93 7.74 -2.37 -11.30
C VAL B 93 6.60 -2.50 -12.33
N ALA B 94 6.64 -3.56 -13.16
CA ALA B 94 5.68 -3.84 -14.24
C ALA B 94 4.23 -3.87 -13.76
N ASP B 95 3.97 -4.51 -12.61
CA ASP B 95 2.65 -4.56 -12.01
C ASP B 95 2.24 -3.18 -11.52
N PHE B 96 3.17 -2.44 -10.88
CA PHE B 96 2.99 -1.09 -10.34
C PHE B 96 2.34 -0.11 -11.34
N GLU B 97 2.79 -0.13 -12.61
CA GLU B 97 2.24 0.74 -13.66
C GLU B 97 0.74 0.48 -13.85
N TYR B 98 0.34 -0.79 -14.02
CA TYR B 98 -1.07 -1.16 -14.14
C TYR B 98 -1.82 -0.84 -12.86
N GLU B 99 -1.17 -1.09 -11.69
CA GLU B 99 -1.79 -0.82 -10.38
C GLU B 99 -2.18 0.64 -10.21
N MET B 100 -1.35 1.57 -10.70
N MET B 100 -1.35 1.56 -10.70
CA MET B 100 -1.65 3.00 -10.60
CA MET B 100 -1.64 3.00 -10.64
C MET B 100 -2.83 3.39 -11.51
C MET B 100 -2.88 3.32 -11.47
N GLN B 101 -2.95 2.76 -12.69
CA GLN B 101 -4.10 2.99 -13.59
C GLN B 101 -5.34 2.45 -12.92
N LEU B 102 -5.27 1.19 -12.40
CA LEU B 102 -6.39 0.56 -11.73
C LEU B 102 -6.86 1.35 -10.51
N ALA B 103 -5.92 1.75 -9.66
CA ALA B 103 -6.26 2.48 -8.44
C ALA B 103 -6.87 3.85 -8.72
N HIS B 104 -6.36 4.58 -9.73
CA HIS B 104 -6.97 5.88 -10.05
C HIS B 104 -8.38 5.67 -10.64
N MET B 105 -8.56 4.60 -11.42
CA MET B 105 -9.88 4.29 -11.98
C MET B 105 -10.85 3.89 -10.81
N ASN B 106 -10.40 3.01 -9.90
CA ASN B 106 -11.17 2.61 -8.74
C ASN B 106 -11.55 3.79 -7.84
N ARG B 107 -10.64 4.79 -7.69
CA ARG B 107 -10.93 5.99 -6.91
C ARG B 107 -12.00 6.86 -7.62
N HIS B 108 -11.97 6.92 -8.96
CA HIS B 108 -12.98 7.64 -9.72
C HIS B 108 -14.35 6.94 -9.52
N LEU B 109 -14.36 5.59 -9.57
CA LEU B 109 -15.61 4.82 -9.49
C LEU B 109 -16.21 4.80 -8.09
N MET B 110 -15.35 4.69 -7.07
CA MET B 110 -15.77 4.62 -5.67
C MET B 110 -14.73 5.37 -4.82
N PRO B 111 -14.90 6.69 -4.65
CA PRO B 111 -13.92 7.47 -3.87
C PRO B 111 -13.78 7.04 -2.41
N GLU B 112 -14.86 6.51 -1.82
CA GLU B 112 -14.85 6.03 -0.42
C GLU B 112 -14.08 4.70 -0.22
N LEU B 113 -13.60 4.08 -1.31
CA LEU B 113 -12.78 2.87 -1.24
C LEU B 113 -11.31 3.28 -1.38
N GLU B 114 -10.48 2.95 -0.39
CA GLU B 114 -9.07 3.30 -0.46
C GLU B 114 -8.22 2.10 -0.86
N SER B 115 -7.38 2.28 -1.86
CA SER B 115 -6.47 1.19 -2.28
C SER B 115 -5.29 1.15 -1.32
N VAL B 116 -4.97 -0.05 -0.85
N VAL B 116 -4.98 -0.07 -0.86
CA VAL B 116 -3.82 -0.24 0.03
CA VAL B 116 -3.89 -0.37 0.07
C VAL B 116 -2.95 -1.30 -0.61
C VAL B 116 -2.96 -1.34 -0.64
N PHE B 117 -1.67 -0.98 -0.77
CA PHE B 117 -0.70 -1.85 -1.40
C PHE B 117 0.16 -2.53 -0.35
N LEU B 118 0.16 -3.87 -0.38
CA LEU B 118 0.93 -4.72 0.54
C LEU B 118 2.04 -5.40 -0.24
N MET B 119 3.15 -5.68 0.44
CA MET B 119 4.30 -6.28 -0.20
C MET B 119 4.46 -7.74 0.24
N PRO B 120 4.56 -8.69 -0.69
CA PRO B 120 4.75 -10.09 -0.28
C PRO B 120 6.17 -10.35 0.14
N SER B 121 6.37 -11.51 0.78
CA SER B 121 7.68 -12.01 1.17
C SER B 121 8.58 -12.04 -0.08
N LYS B 122 9.90 -11.92 0.10
CA LYS B 122 10.85 -12.07 -1.02
C LYS B 122 10.63 -13.43 -1.68
N GLU B 123 10.24 -14.45 -0.88
CA GLU B 123 9.98 -15.81 -1.33
C GLU B 123 8.98 -15.90 -2.51
N TRP B 124 7.99 -15.01 -2.54
CA TRP B 124 6.92 -15.04 -3.56
C TRP B 124 6.95 -13.80 -4.46
N SER B 125 8.02 -13.00 -4.38
CA SER B 125 8.09 -11.74 -5.13
C SER B 125 8.32 -11.87 -6.64
N PHE B 126 8.59 -13.09 -7.13
CA PHE B 126 8.92 -13.31 -8.54
C PHE B 126 8.02 -14.35 -9.19
N ILE B 127 6.87 -14.66 -8.56
CA ILE B 127 5.91 -15.65 -9.07
C ILE B 127 4.57 -15.01 -9.43
N SER B 128 3.76 -15.77 -10.17
CA SER B 128 2.40 -15.37 -10.54
C SER B 128 1.65 -16.65 -10.83
N SER B 129 0.29 -16.64 -10.77
CA SER B 129 -0.50 -17.81 -11.14
C SER B 129 -0.15 -18.19 -12.59
N SER B 130 0.06 -17.17 -13.47
CA SER B 130 0.39 -17.40 -14.88
C SER B 130 1.67 -18.20 -15.05
N LEU B 131 2.76 -17.76 -14.39
CA LEU B 131 4.05 -18.44 -14.48
C LEU B 131 3.93 -19.85 -13.88
N VAL B 132 3.29 -19.98 -12.72
CA VAL B 132 3.12 -21.31 -12.07
C VAL B 132 2.42 -22.28 -13.05
N LYS B 133 1.29 -21.86 -13.66
CA LYS B 133 0.54 -22.73 -14.59
C LYS B 133 1.39 -23.14 -15.77
N GLU B 134 2.11 -22.19 -16.37
CA GLU B 134 2.97 -22.41 -17.54
C GLU B 134 4.03 -23.48 -17.22
N VAL B 135 4.70 -23.31 -16.07
CA VAL B 135 5.74 -24.24 -15.61
C VAL B 135 5.13 -25.64 -15.41
N ALA B 136 3.99 -25.71 -14.68
CA ALA B 136 3.32 -26.99 -14.39
C ALA B 136 2.84 -27.71 -15.67
N ARG B 137 2.23 -26.94 -16.60
CA ARG B 137 1.76 -27.47 -17.90
C ARG B 137 2.93 -28.06 -18.67
N HIS B 138 4.12 -27.49 -18.50
CA HIS B 138 5.32 -27.93 -19.22
C HIS B 138 6.19 -28.87 -18.39
N GLN B 139 5.59 -29.53 -17.38
CA GLN B 139 6.17 -30.60 -16.55
C GLN B 139 7.27 -30.11 -15.58
N GLY B 140 7.06 -28.94 -15.01
CA GLY B 140 7.97 -28.38 -14.02
C GLY B 140 7.40 -28.49 -12.63
N ASP B 141 8.28 -28.59 -11.64
CA ASP B 141 7.92 -28.68 -10.23
C ASP B 141 7.48 -27.33 -9.63
N VAL B 142 6.21 -27.21 -9.26
CA VAL B 142 5.68 -25.97 -8.67
C VAL B 142 5.18 -26.17 -7.24
N THR B 143 5.48 -27.34 -6.62
CA THR B 143 4.98 -27.68 -5.27
C THR B 143 5.25 -26.56 -4.26
N HIS B 144 6.46 -25.99 -4.29
CA HIS B 144 6.84 -24.96 -3.33
C HIS B 144 5.96 -23.70 -3.36
N PHE B 145 5.33 -23.42 -4.50
CA PHE B 145 4.58 -22.17 -4.68
C PHE B 145 3.12 -22.24 -4.32
N LEU B 146 2.62 -23.45 -4.00
CA LEU B 146 1.19 -23.63 -3.80
C LEU B 146 0.81 -24.25 -2.48
N PRO B 147 -0.40 -23.92 -1.97
CA PRO B 147 -0.94 -24.68 -0.82
C PRO B 147 -1.11 -26.14 -1.28
N GLU B 148 -0.98 -27.08 -0.35
CA GLU B 148 -1.07 -28.51 -0.65
C GLU B 148 -2.34 -28.89 -1.42
N ASN B 149 -3.51 -28.36 -1.02
CA ASN B 149 -4.78 -28.71 -1.69
C ASN B 149 -4.76 -28.25 -3.16
N VAL B 150 -4.15 -27.10 -3.41
CA VAL B 150 -4.01 -26.53 -4.74
C VAL B 150 -3.06 -27.38 -5.58
N HIS B 151 -1.92 -27.80 -5.01
CA HIS B 151 -0.94 -28.69 -5.66
C HIS B 151 -1.65 -29.99 -6.09
N GLN B 152 -2.48 -30.58 -5.21
CA GLN B 152 -3.25 -31.81 -5.53
C GLN B 152 -4.25 -31.57 -6.67
N ALA B 153 -5.02 -30.44 -6.64
CA ALA B 153 -6.00 -30.12 -7.70
C ALA B 153 -5.33 -29.83 -9.03
N LEU B 154 -4.15 -29.17 -9.01
CA LEU B 154 -3.43 -28.83 -10.24
C LEU B 154 -2.89 -30.11 -10.92
N MET B 155 -2.34 -31.04 -10.12
CA MET B 155 -1.88 -32.33 -10.68
C MET B 155 -3.04 -33.08 -11.35
N ALA B 156 -4.22 -33.09 -10.69
CA ALA B 156 -5.43 -33.73 -11.22
C ALA B 156 -5.85 -33.10 -12.56
N LYS B 157 -5.89 -31.74 -12.62
CA LYS B 157 -6.31 -31.01 -13.82
C LYS B 157 -5.34 -31.30 -14.99
N LEU B 158 -4.03 -31.32 -14.72
CA LEU B 158 -3.04 -31.57 -15.76
C LEU B 158 -2.96 -33.02 -16.21
N ALA B 159 -3.42 -33.96 -15.37
CA ALA B 159 -3.41 -35.38 -15.72
C ALA B 159 -4.45 -35.67 -16.81
N VAL B 160 -5.57 -34.93 -16.78
CA VAL B 160 -6.70 -35.02 -17.73
C VAL B 160 -6.85 -33.75 -18.57
#